data_6HDW
#
_entry.id   6HDW
#
_cell.length_a   83.871
_cell.length_b   83.871
_cell.length_c   219.811
_cell.angle_alpha   90.00
_cell.angle_beta   90.00
_cell.angle_gamma   90.00
#
_symmetry.space_group_name_H-M   'P 41 21 2'
#
loop_
_entity.id
_entity.type
_entity.pdbx_description
1 polymer '2-hydroxyisobutyryl-CoA synthetase'
2 non-polymer '[[(2~{R},3~{S},4~{R},5~{R})-5-(6-aminopurin-9-yl)-3,4-bis(oxidanyl)oxolan-2-yl]methoxy-oxidanyl-phosphoryl] 2-methyl-2-oxidanyl-propanoate'
3 non-polymer 'SULFATE ION'
4 water water
#
_entity_poly.entity_id   1
_entity_poly.type   'polypeptide(L)'
_entity_poly.pdbx_seq_one_letter_code
;MASHHHHHHSGMEEWNFPVEYDENYLPPADSRYWFPRRETMPAAERDKAILGRLQQVCQYAWEHAPFYRRKWEEAGFQPS
QLKSLEDFEARVPVVKKTDLRESQAAHPPFGDYVCVPNSEIFHVHGTSGTTGRPTAFGIGRADWRAIANAHARIMWGMGI
RPGDLVCVAAVFSLYMGSWGALAGAERLRAKAFPFGAGAPGMSARLVQWLDTMKPAAFYGTPSYAIHLAEVAREEKLNPR
NFGLKCLFFSGEPGASVPGVKDRIEEAYGAKVYDCGSMAEMSPFMNVAGTEQSNDGMLCWQDIIYTEVCDPANMRRVPYG
QRGTPVYTHLERTSQPMIRLLSGDLTLWTNDENPCGRTYPRLPQGIFGRIDDMFTIRGENIYPSEIDAALNQMSGYGGEH
RIVITRESAMDELLLRVEPSESVHAAGAAALETFRTEASHRVQTVLGVRAKVELVAPNSIARTDFKARRVIDDREVFRAL
NQQLQSSAGSAWSHPQFEK
;
_entity_poly.pdbx_strand_id   A
#
# COMPACT_ATOMS: atom_id res chain seq x y z
N SER A 10 -26.57 14.51 -9.87
CA SER A 10 -25.16 14.63 -9.48
C SER A 10 -24.22 14.98 -10.63
N GLY A 11 -24.47 14.39 -11.81
CA GLY A 11 -23.65 14.59 -13.02
C GLY A 11 -22.41 13.73 -13.01
N MET A 12 -22.33 12.79 -12.05
CA MET A 12 -21.23 11.85 -11.86
C MET A 12 -21.19 10.85 -13.02
N GLU A 13 -20.01 10.73 -13.63
CA GLU A 13 -19.77 9.90 -14.81
C GLU A 13 -19.94 8.42 -14.51
N GLU A 14 -20.92 7.79 -15.20
CA GLU A 14 -21.26 6.37 -15.14
C GLU A 14 -21.52 5.88 -13.70
N TRP A 15 -22.21 6.73 -12.91
CA TRP A 15 -22.56 6.46 -11.51
C TRP A 15 -23.73 5.50 -11.45
N ASN A 16 -23.42 4.19 -11.42
CA ASN A 16 -24.41 3.12 -11.43
C ASN A 16 -24.01 1.96 -10.51
N PHE A 17 -25.01 1.26 -9.96
CA PHE A 17 -24.82 0.04 -9.19
C PHE A 17 -25.83 -1.03 -9.60
N PRO A 18 -25.37 -2.22 -10.08
CA PRO A 18 -23.95 -2.61 -10.34
C PRO A 18 -23.33 -1.72 -11.41
N VAL A 19 -22.03 -1.41 -11.30
CA VAL A 19 -21.36 -0.54 -12.27
C VAL A 19 -21.12 -1.27 -13.61
N GLU A 20 -21.07 -0.50 -14.72
CA GLU A 20 -20.90 -1.01 -16.09
C GLU A 20 -20.26 0.04 -16.99
N TYR A 21 -18.95 0.20 -16.85
CA TYR A 21 -18.12 1.18 -17.56
C TYR A 21 -17.99 0.96 -19.07
N ASP A 22 -17.98 2.08 -19.83
CA ASP A 22 -17.74 2.11 -21.27
C ASP A 22 -16.25 1.79 -21.47
N GLU A 23 -15.97 0.63 -22.10
CA GLU A 23 -14.62 0.11 -22.34
C GLU A 23 -13.85 0.89 -23.42
N ASN A 24 -14.56 1.70 -24.21
CA ASN A 24 -13.98 2.49 -25.31
C ASN A 24 -13.66 3.95 -24.96
N TYR A 25 -14.21 4.47 -23.85
CA TYR A 25 -13.95 5.84 -23.41
C TYR A 25 -12.47 6.09 -23.10
N LEU A 26 -11.96 7.20 -23.60
CA LEU A 26 -10.62 7.68 -23.35
C LEU A 26 -10.72 9.20 -23.13
N PRO A 27 -10.20 9.72 -21.98
CA PRO A 27 -10.31 11.17 -21.72
C PRO A 27 -9.64 12.01 -22.80
N PRO A 28 -9.99 13.31 -22.94
CA PRO A 28 -9.30 14.13 -23.94
C PRO A 28 -7.82 14.21 -23.53
N ALA A 29 -6.91 14.28 -24.53
CA ALA A 29 -5.47 14.33 -24.28
C ALA A 29 -5.03 15.52 -23.39
N ASP A 30 -5.79 16.64 -23.42
CA ASP A 30 -5.54 17.85 -22.62
C ASP A 30 -6.09 17.78 -21.17
N SER A 31 -6.92 16.77 -20.85
CA SER A 31 -7.51 16.60 -19.51
C SER A 31 -6.57 16.00 -18.47
N ARG A 32 -6.56 16.61 -17.27
CA ARG A 32 -5.78 16.15 -16.13
C ARG A 32 -6.55 14.98 -15.44
N TYR A 33 -7.89 15.07 -15.47
CA TYR A 33 -8.80 14.12 -14.84
C TYR A 33 -9.42 13.13 -15.83
N TRP A 34 -9.57 11.86 -15.41
CA TRP A 34 -10.21 10.82 -16.19
C TRP A 34 -11.72 11.07 -16.12
N PHE A 35 -12.22 11.38 -14.91
CA PHE A 35 -13.63 11.73 -14.68
C PHE A 35 -13.66 13.12 -14.00
N PRO A 36 -13.69 14.23 -14.79
CA PRO A 36 -13.66 15.58 -14.19
C PRO A 36 -14.69 15.85 -13.09
N ARG A 37 -15.94 15.38 -13.25
CA ARG A 37 -16.99 15.60 -12.22
C ARG A 37 -16.68 14.85 -10.94
N ARG A 38 -16.68 13.50 -10.97
CA ARG A 38 -16.44 12.63 -9.81
C ARG A 38 -15.22 13.04 -8.98
N GLU A 39 -14.11 13.36 -9.66
CA GLU A 39 -12.83 13.72 -9.06
C GLU A 39 -12.74 15.15 -8.49
N THR A 40 -13.44 16.13 -9.08
CA THR A 40 -13.32 17.53 -8.63
C THR A 40 -14.61 18.18 -8.08
N MET A 41 -15.77 17.46 -8.06
CA MET A 41 -17.07 17.99 -7.56
C MET A 41 -17.02 18.42 -6.07
N PRO A 42 -17.91 19.31 -5.55
CA PRO A 42 -17.85 19.63 -4.11
C PRO A 42 -17.99 18.36 -3.27
N ALA A 43 -17.08 18.18 -2.28
CA ALA A 43 -17.01 17.01 -1.38
C ALA A 43 -18.33 16.64 -0.71
N ALA A 44 -19.13 17.67 -0.34
CA ALA A 44 -20.46 17.54 0.28
C ALA A 44 -21.47 16.92 -0.68
N GLU A 45 -21.33 17.22 -2.00
CA GLU A 45 -22.18 16.68 -3.07
C GLU A 45 -21.84 15.21 -3.30
N ARG A 46 -20.53 14.87 -3.27
CA ARG A 46 -20.04 13.49 -3.44
C ARG A 46 -20.48 12.63 -2.27
N ASP A 47 -20.43 13.18 -1.03
CA ASP A 47 -20.84 12.50 0.20
C ASP A 47 -22.33 12.17 0.22
N LYS A 48 -23.16 12.93 -0.52
CA LYS A 48 -24.60 12.67 -0.65
C LYS A 48 -24.81 11.42 -1.50
N ALA A 49 -24.06 11.30 -2.61
CA ALA A 49 -24.12 10.18 -3.54
C ALA A 49 -23.46 8.93 -2.96
N ILE A 50 -22.41 9.09 -2.11
CA ILE A 50 -21.69 7.99 -1.46
C ILE A 50 -22.64 7.29 -0.48
N LEU A 51 -23.38 8.08 0.32
CA LEU A 51 -24.39 7.59 1.27
C LEU A 51 -25.49 6.84 0.51
N GLY A 52 -25.90 7.40 -0.64
CA GLY A 52 -26.87 6.79 -1.54
C GLY A 52 -26.42 5.42 -2.01
N ARG A 53 -25.14 5.32 -2.41
CA ARG A 53 -24.49 4.09 -2.88
C ARG A 53 -24.32 3.05 -1.76
N LEU A 54 -23.97 3.54 -0.55
CA LEU A 54 -23.76 2.78 0.68
C LEU A 54 -25.04 2.02 1.04
N GLN A 55 -26.20 2.67 0.84
CA GLN A 55 -27.52 2.10 1.06
C GLN A 55 -27.79 0.96 0.06
N GLN A 56 -27.42 1.18 -1.24
CA GLN A 56 -27.58 0.22 -2.34
C GLN A 56 -26.70 -1.02 -2.08
N VAL A 57 -25.43 -0.80 -1.70
CA VAL A 57 -24.43 -1.83 -1.40
C VAL A 57 -24.87 -2.69 -0.21
N CYS A 58 -25.30 -2.06 0.90
CA CYS A 58 -25.77 -2.76 2.09
C CYS A 58 -27.03 -3.58 1.83
N GLN A 59 -27.95 -3.07 0.97
CA GLN A 59 -29.19 -3.75 0.56
C GLN A 59 -28.80 -4.98 -0.26
N TYR A 60 -27.80 -4.81 -1.16
CA TYR A 60 -27.27 -5.88 -2.01
C TYR A 60 -26.65 -6.98 -1.14
N ALA A 61 -25.78 -6.60 -0.17
CA ALA A 61 -25.10 -7.54 0.74
C ALA A 61 -26.09 -8.26 1.64
N TRP A 62 -27.12 -7.56 2.13
CA TRP A 62 -28.19 -8.14 2.96
C TRP A 62 -28.89 -9.26 2.20
N GLU A 63 -29.15 -9.04 0.89
CA GLU A 63 -29.83 -9.96 0.00
C GLU A 63 -29.02 -11.20 -0.37
N HIS A 64 -27.74 -11.01 -0.76
CA HIS A 64 -26.87 -12.06 -1.29
C HIS A 64 -25.79 -12.63 -0.36
N ALA A 65 -25.54 -12.00 0.81
CA ALA A 65 -24.48 -12.48 1.70
C ALA A 65 -24.96 -12.86 3.12
N PRO A 66 -25.16 -14.17 3.43
CA PRO A 66 -25.55 -14.54 4.80
C PRO A 66 -24.53 -14.12 5.86
N PHE A 67 -23.24 -13.95 5.46
CA PHE A 67 -22.16 -13.48 6.33
C PHE A 67 -22.50 -12.10 6.87
N TYR A 68 -22.92 -11.17 5.98
CA TYR A 68 -23.31 -9.82 6.37
C TYR A 68 -24.66 -9.83 7.08
N ARG A 69 -25.59 -10.67 6.64
CA ARG A 69 -26.92 -10.84 7.26
C ARG A 69 -26.76 -11.24 8.73
N ARG A 70 -25.92 -12.26 9.03
CA ARG A 70 -25.64 -12.73 10.39
C ARG A 70 -24.90 -11.70 11.26
N LYS A 71 -23.83 -11.09 10.73
CA LYS A 71 -23.01 -10.10 11.43
C LYS A 71 -23.78 -8.86 11.83
N TRP A 72 -24.58 -8.32 10.89
CA TRP A 72 -25.39 -7.13 11.09
C TRP A 72 -26.52 -7.36 12.05
N GLU A 73 -27.22 -8.51 11.96
CA GLU A 73 -28.31 -8.88 12.88
C GLU A 73 -27.78 -8.98 14.31
N GLU A 74 -26.55 -9.52 14.48
CA GLU A 74 -25.86 -9.68 15.76
C GLU A 74 -25.57 -8.32 16.42
N ALA A 75 -25.09 -7.32 15.63
CA ALA A 75 -24.78 -5.98 16.10
C ALA A 75 -26.00 -5.01 16.12
N GLY A 76 -27.16 -5.52 15.73
CA GLY A 76 -28.41 -4.78 15.70
C GLY A 76 -28.50 -3.77 14.57
N PHE A 77 -28.09 -4.17 13.35
CA PHE A 77 -28.14 -3.30 12.17
C PHE A 77 -28.96 -3.88 11.02
N GLN A 78 -29.78 -3.02 10.42
CA GLN A 78 -30.62 -3.28 9.26
C GLN A 78 -30.31 -2.15 8.25
N PRO A 79 -30.12 -2.44 6.93
CA PRO A 79 -29.76 -1.37 5.96
C PRO A 79 -30.61 -0.09 6.00
N SER A 80 -31.88 -0.20 6.43
CA SER A 80 -32.82 0.92 6.54
C SER A 80 -32.42 1.94 7.61
N GLN A 81 -31.57 1.53 8.58
CA GLN A 81 -31.07 2.38 9.67
C GLN A 81 -29.91 3.25 9.20
N LEU A 82 -29.34 2.95 8.02
CA LEU A 82 -28.28 3.74 7.42
C LEU A 82 -28.97 4.95 6.75
N LYS A 83 -29.02 6.08 7.48
CA LYS A 83 -29.68 7.33 7.06
C LYS A 83 -28.69 8.49 6.90
N SER A 84 -27.44 8.31 7.37
CA SER A 84 -26.35 9.28 7.29
C SER A 84 -25.00 8.57 7.37
N LEU A 85 -23.89 9.30 7.12
CA LEU A 85 -22.53 8.76 7.21
C LEU A 85 -22.15 8.49 8.68
N GLU A 86 -22.83 9.19 9.62
CA GLU A 86 -22.67 9.06 11.06
C GLU A 86 -23.29 7.73 11.53
N ASP A 87 -24.39 7.31 10.85
CA ASP A 87 -25.08 6.04 11.12
C ASP A 87 -24.21 4.87 10.72
N PHE A 88 -23.49 4.99 9.59
CA PHE A 88 -22.58 4.00 9.04
C PHE A 88 -21.46 3.68 10.05
N GLU A 89 -20.83 4.74 10.59
CA GLU A 89 -19.76 4.74 11.59
C GLU A 89 -20.10 3.99 12.86
N ALA A 90 -21.29 4.30 13.41
CA ALA A 90 -21.75 3.82 14.70
C ALA A 90 -22.56 2.55 14.69
N ARG A 91 -23.41 2.34 13.66
CA ARG A 91 -24.30 1.18 13.61
C ARG A 91 -23.72 -0.05 12.90
N VAL A 92 -22.92 0.14 11.82
CA VAL A 92 -22.34 -0.95 11.04
C VAL A 92 -21.07 -1.51 11.70
N PRO A 93 -21.05 -2.82 12.08
CA PRO A 93 -19.82 -3.38 12.69
C PRO A 93 -18.71 -3.59 11.66
N VAL A 94 -17.45 -3.33 12.07
CA VAL A 94 -16.29 -3.51 11.20
C VAL A 94 -16.05 -4.99 10.92
N VAL A 95 -15.56 -5.30 9.73
CA VAL A 95 -15.22 -6.66 9.33
C VAL A 95 -13.73 -6.83 9.62
N LYS A 96 -13.37 -7.93 10.28
CA LYS A 96 -11.97 -8.23 10.56
C LYS A 96 -11.51 -9.32 9.57
N LYS A 97 -10.21 -9.35 9.21
CA LYS A 97 -9.62 -10.36 8.32
C LYS A 97 -9.85 -11.78 8.88
N THR A 98 -9.90 -11.90 10.22
CA THR A 98 -10.18 -13.15 10.93
C THR A 98 -11.64 -13.62 10.69
N ASP A 99 -12.58 -12.66 10.44
CA ASP A 99 -13.99 -13.00 10.14
C ASP A 99 -14.11 -13.61 8.75
N LEU A 100 -13.28 -13.16 7.82
CA LEU A 100 -13.22 -13.64 6.44
C LEU A 100 -12.74 -15.10 6.39
N ARG A 101 -11.68 -15.42 7.18
CA ARG A 101 -11.12 -16.78 7.30
C ARG A 101 -12.16 -17.75 7.83
N GLU A 102 -12.88 -17.36 8.90
CA GLU A 102 -13.91 -18.18 9.54
C GLU A 102 -15.09 -18.44 8.60
N SER A 103 -15.47 -17.41 7.80
CA SER A 103 -16.53 -17.49 6.80
C SER A 103 -16.12 -18.47 5.68
N GLN A 104 -14.84 -18.43 5.27
CA GLN A 104 -14.27 -19.30 4.24
C GLN A 104 -14.11 -20.73 4.73
N ALA A 105 -13.76 -20.94 6.02
CA ALA A 105 -13.64 -22.29 6.61
C ALA A 105 -15.02 -22.96 6.69
N ALA A 106 -16.06 -22.22 7.14
CA ALA A 106 -17.42 -22.72 7.27
C ALA A 106 -18.14 -22.81 5.92
N HIS A 107 -17.80 -21.91 4.98
CA HIS A 107 -18.41 -21.88 3.64
C HIS A 107 -17.30 -21.85 2.55
N PRO A 108 -16.61 -22.98 2.32
CA PRO A 108 -15.54 -22.98 1.31
C PRO A 108 -16.04 -22.97 -0.13
N PRO A 109 -15.27 -22.41 -1.09
CA PRO A 109 -13.94 -21.81 -0.94
C PRO A 109 -13.88 -20.31 -0.66
N PHE A 110 -14.90 -19.51 -1.06
CA PHE A 110 -14.86 -18.04 -0.98
C PHE A 110 -15.65 -17.39 0.17
N GLY A 111 -16.29 -18.18 1.03
CA GLY A 111 -17.01 -17.63 2.17
C GLY A 111 -18.46 -17.29 1.86
N ASP A 112 -19.19 -16.86 2.91
CA ASP A 112 -20.59 -16.52 2.73
C ASP A 112 -20.83 -15.06 2.39
N TYR A 113 -19.77 -14.37 1.93
CA TYR A 113 -19.81 -12.98 1.51
C TYR A 113 -19.51 -12.85 0.00
N VAL A 114 -19.41 -13.98 -0.73
CA VAL A 114 -19.09 -14.01 -2.17
C VAL A 114 -20.17 -13.28 -3.03
N CYS A 115 -21.47 -13.41 -2.68
CA CYS A 115 -22.66 -12.75 -3.27
C CYS A 115 -23.01 -13.22 -4.66
N VAL A 116 -22.04 -13.18 -5.60
CA VAL A 116 -22.29 -13.58 -6.98
C VAL A 116 -22.42 -15.11 -7.08
N PRO A 117 -23.15 -15.67 -8.08
CA PRO A 117 -23.17 -17.14 -8.21
C PRO A 117 -21.79 -17.61 -8.69
N ASN A 118 -21.45 -18.88 -8.41
CA ASN A 118 -20.18 -19.50 -8.83
C ASN A 118 -19.86 -19.27 -10.31
N SER A 119 -20.89 -19.27 -11.16
CA SER A 119 -20.85 -19.03 -12.61
C SER A 119 -20.19 -17.71 -13.03
N GLU A 120 -20.33 -16.65 -12.22
CA GLU A 120 -19.81 -15.30 -12.51
C GLU A 120 -18.30 -15.15 -12.19
N ILE A 121 -17.73 -16.04 -11.33
CA ILE A 121 -16.31 -15.98 -10.92
C ILE A 121 -15.38 -16.12 -12.13
N PHE A 122 -14.54 -15.09 -12.30
CA PHE A 122 -13.60 -14.90 -13.40
C PHE A 122 -12.14 -15.21 -13.01
N HIS A 123 -11.68 -14.73 -11.84
CA HIS A 123 -10.30 -14.93 -11.38
C HIS A 123 -10.25 -15.42 -9.95
N VAL A 124 -9.26 -16.28 -9.66
CA VAL A 124 -9.00 -16.80 -8.33
C VAL A 124 -7.59 -16.35 -7.92
N HIS A 125 -7.52 -15.55 -6.84
CA HIS A 125 -6.27 -15.07 -6.24
C HIS A 125 -6.34 -15.31 -4.73
N GLY A 126 -5.45 -14.71 -3.97
CA GLY A 126 -5.46 -14.89 -2.53
C GLY A 126 -4.29 -14.28 -1.78
N THR A 127 -4.16 -14.66 -0.51
CA THR A 127 -3.09 -14.24 0.40
C THR A 127 -2.11 -15.40 0.67
N SER A 128 -0.92 -15.10 1.22
CA SER A 128 0.11 -16.07 1.61
C SER A 128 1.01 -15.48 2.71
N GLY A 129 1.59 -16.35 3.55
CA GLY A 129 2.47 -15.96 4.65
C GLY A 129 1.77 -15.91 5.99
N ARG A 133 -3.69 -18.89 8.20
CA ARG A 133 -4.62 -19.42 7.20
C ARG A 133 -4.82 -18.43 6.05
N PRO A 134 -4.65 -18.88 4.78
CA PRO A 134 -4.81 -17.93 3.66
C PRO A 134 -6.27 -17.75 3.23
N THR A 135 -6.59 -16.56 2.69
CA THR A 135 -7.93 -16.28 2.19
C THR A 135 -7.94 -16.33 0.68
N ALA A 136 -9.00 -16.88 0.10
CA ALA A 136 -9.16 -16.98 -1.34
C ALA A 136 -10.00 -15.82 -1.87
N PHE A 137 -9.57 -15.25 -3.00
CA PHE A 137 -10.32 -14.20 -3.66
C PHE A 137 -11.00 -14.80 -4.89
N GLY A 138 -12.32 -14.68 -4.92
CA GLY A 138 -13.16 -15.12 -6.02
C GLY A 138 -13.75 -13.87 -6.63
N ILE A 139 -13.06 -13.30 -7.62
CA ILE A 139 -13.47 -12.07 -8.29
C ILE A 139 -14.30 -12.34 -9.58
N GLY A 140 -15.50 -11.76 -9.63
CA GLY A 140 -16.40 -11.86 -10.77
C GLY A 140 -15.90 -11.08 -11.97
N ARG A 141 -16.37 -11.47 -13.17
CA ARG A 141 -16.03 -10.86 -14.46
C ARG A 141 -16.30 -9.35 -14.46
N ALA A 142 -17.46 -8.93 -13.94
CA ALA A 142 -17.87 -7.53 -13.85
C ALA A 142 -16.99 -6.71 -12.92
N ASP A 143 -16.60 -7.28 -11.76
CA ASP A 143 -15.72 -6.65 -10.77
C ASP A 143 -14.32 -6.44 -11.33
N TRP A 144 -13.82 -7.39 -12.14
CA TRP A 144 -12.52 -7.28 -12.78
C TRP A 144 -12.49 -6.05 -13.70
N ARG A 145 -13.58 -5.82 -14.46
CA ARG A 145 -13.74 -4.64 -15.32
C ARG A 145 -13.82 -3.35 -14.51
N ALA A 146 -14.54 -3.38 -13.36
CA ALA A 146 -14.65 -2.25 -12.43
C ALA A 146 -13.27 -1.86 -11.85
N ILE A 147 -12.45 -2.89 -11.51
CA ILE A 147 -11.09 -2.76 -10.99
C ILE A 147 -10.17 -2.15 -12.06
N ALA A 148 -10.21 -2.70 -13.29
CA ALA A 148 -9.41 -2.24 -14.43
C ALA A 148 -9.71 -0.79 -14.79
N ASN A 149 -11.00 -0.42 -14.80
CA ASN A 149 -11.46 0.93 -15.12
C ASN A 149 -11.06 1.91 -14.04
N ALA A 150 -11.24 1.53 -12.75
CA ALA A 150 -10.84 2.36 -11.61
C ALA A 150 -9.34 2.60 -11.64
N HIS A 151 -8.55 1.55 -11.94
CA HIS A 151 -7.09 1.65 -11.97
C HIS A 151 -6.55 2.48 -13.11
N ALA A 152 -7.15 2.38 -14.33
CA ALA A 152 -6.77 3.18 -15.50
C ALA A 152 -6.99 4.67 -15.21
N ARG A 153 -8.08 4.99 -14.48
CA ARG A 153 -8.48 6.33 -14.06
C ARG A 153 -7.44 6.94 -13.11
N ILE A 154 -7.03 6.18 -12.08
CA ILE A 154 -6.05 6.58 -11.07
C ILE A 154 -4.63 6.68 -11.70
N MET A 155 -4.27 5.76 -12.60
CA MET A 155 -2.96 5.77 -13.30
C MET A 155 -2.85 6.98 -14.25
N TRP A 156 -3.99 7.42 -14.84
CA TRP A 156 -4.07 8.62 -15.70
C TRP A 156 -3.70 9.84 -14.83
N GLY A 157 -4.18 9.86 -13.59
CA GLY A 157 -3.91 10.90 -12.61
C GLY A 157 -2.44 11.05 -12.24
N MET A 158 -1.66 9.96 -12.42
CA MET A 158 -0.21 9.90 -12.18
C MET A 158 0.60 10.39 -13.41
N GLY A 159 -0.11 10.77 -14.48
CA GLY A 159 0.49 11.22 -15.73
C GLY A 159 0.81 10.12 -16.72
N ILE A 160 0.33 8.88 -16.43
CA ILE A 160 0.52 7.72 -17.31
C ILE A 160 -0.54 7.82 -18.40
N ARG A 161 -0.12 7.63 -19.66
CA ARG A 161 -0.99 7.85 -20.83
C ARG A 161 -1.06 6.67 -21.81
N PRO A 162 -2.12 6.60 -22.68
CA PRO A 162 -2.14 5.53 -23.70
C PRO A 162 -0.86 5.53 -24.56
N GLY A 163 -0.36 4.33 -24.85
CA GLY A 163 0.86 4.16 -25.62
C GLY A 163 2.14 4.14 -24.79
N ASP A 164 2.06 4.52 -23.50
CA ASP A 164 3.21 4.49 -22.59
C ASP A 164 3.55 3.05 -22.23
N LEU A 165 4.84 2.71 -22.25
CA LEU A 165 5.29 1.38 -21.85
C LEU A 165 5.27 1.34 -20.32
N VAL A 166 4.44 0.44 -19.73
CA VAL A 166 4.28 0.30 -18.28
C VAL A 166 4.85 -1.03 -17.82
N CYS A 167 5.97 -0.99 -17.06
CA CYS A 167 6.58 -2.21 -16.55
C CYS A 167 5.91 -2.62 -15.24
N VAL A 168 5.25 -3.79 -15.22
CA VAL A 168 4.62 -4.33 -14.00
C VAL A 168 5.59 -5.39 -13.47
N ALA A 169 6.35 -5.02 -12.44
CA ALA A 169 7.38 -5.88 -11.85
C ALA A 169 7.11 -6.29 -10.40
N ALA A 170 5.98 -6.96 -10.19
CA ALA A 170 5.57 -7.60 -8.93
C ALA A 170 5.12 -9.00 -9.32
N VAL A 171 5.24 -9.97 -8.40
CA VAL A 171 4.91 -11.38 -8.64
C VAL A 171 3.45 -11.55 -9.13
N PHE A 172 3.28 -12.24 -10.27
CA PHE A 172 1.97 -12.53 -10.81
C PHE A 172 1.59 -13.93 -10.35
N SER A 173 0.90 -13.99 -9.21
CA SER A 173 0.46 -15.23 -8.58
C SER A 173 -0.82 -14.91 -7.77
N LEU A 174 -0.87 -15.33 -6.48
CA LEU A 174 -1.98 -15.05 -5.57
C LEU A 174 -2.08 -13.55 -5.32
N TYR A 175 -0.91 -12.87 -5.25
CA TYR A 175 -0.75 -11.43 -5.01
C TYR A 175 -1.52 -10.55 -6.01
N MET A 176 -2.45 -9.73 -5.49
CA MET A 176 -3.33 -8.87 -6.30
C MET A 176 -2.68 -7.61 -6.88
N GLY A 177 -1.58 -7.16 -6.27
CA GLY A 177 -0.85 -5.96 -6.65
C GLY A 177 -0.48 -5.89 -8.12
N SER A 178 0.18 -6.94 -8.61
CA SER A 178 0.61 -7.10 -9.99
C SER A 178 -0.58 -7.11 -10.99
N TRP A 179 -1.60 -7.92 -10.68
CA TRP A 179 -2.80 -8.06 -11.50
C TRP A 179 -3.57 -6.77 -11.61
N GLY A 180 -3.68 -6.05 -10.50
CA GLY A 180 -4.36 -4.77 -10.45
C GLY A 180 -3.68 -3.71 -11.30
N ALA A 181 -2.35 -3.64 -11.24
CA ALA A 181 -1.57 -2.68 -12.04
C ALA A 181 -1.64 -3.02 -13.54
N LEU A 182 -1.63 -4.32 -13.87
CA LEU A 182 -1.73 -4.81 -15.25
C LEU A 182 -3.12 -4.47 -15.84
N ALA A 183 -4.20 -4.74 -15.09
CA ALA A 183 -5.59 -4.48 -15.49
C ALA A 183 -5.82 -3.00 -15.81
N GLY A 184 -5.19 -2.12 -15.02
CA GLY A 184 -5.26 -0.67 -15.21
C GLY A 184 -4.51 -0.24 -16.46
N ALA A 185 -3.29 -0.80 -16.66
CA ALA A 185 -2.44 -0.55 -17.83
C ALA A 185 -3.14 -0.96 -19.11
N GLU A 186 -3.80 -2.13 -19.09
CA GLU A 186 -4.57 -2.69 -20.22
C GLU A 186 -5.71 -1.72 -20.61
N ARG A 187 -6.52 -1.28 -19.64
CA ARG A 187 -7.66 -0.37 -19.85
C ARG A 187 -7.23 1.07 -20.22
N LEU A 188 -6.05 1.51 -19.76
CA LEU A 188 -5.53 2.84 -20.08
C LEU A 188 -5.00 2.88 -21.53
N ARG A 189 -4.99 1.70 -22.19
CA ARG A 189 -4.50 1.45 -23.56
C ARG A 189 -2.98 1.76 -23.64
N ALA A 190 -2.28 1.45 -22.54
CA ALA A 190 -0.83 1.60 -22.43
C ALA A 190 -0.21 0.31 -22.94
N LYS A 191 1.11 0.30 -23.16
CA LYS A 191 1.81 -0.89 -23.59
C LYS A 191 2.17 -1.66 -22.29
N ALA A 192 1.28 -2.59 -21.87
CA ALA A 192 1.50 -3.36 -20.63
C ALA A 192 2.68 -4.28 -20.80
N PHE A 193 3.69 -4.14 -19.93
CA PHE A 193 4.89 -4.97 -19.94
C PHE A 193 4.90 -5.76 -18.62
N PRO A 194 4.15 -6.89 -18.55
CA PRO A 194 4.11 -7.66 -17.29
C PRO A 194 5.31 -8.60 -17.12
N PHE A 195 6.46 -8.01 -16.71
CA PHE A 195 7.68 -8.80 -16.47
C PHE A 195 7.52 -9.62 -15.19
N GLY A 196 6.81 -9.09 -14.19
CA GLY A 196 6.63 -9.81 -12.95
C GLY A 196 7.87 -9.82 -12.07
N ALA A 197 7.91 -10.73 -11.09
CA ALA A 197 8.98 -10.85 -10.12
C ALA A 197 8.90 -12.21 -9.42
N GLY A 198 9.86 -12.51 -8.53
CA GLY A 198 9.85 -13.74 -7.75
C GLY A 198 10.92 -14.77 -8.04
N ALA A 199 11.30 -14.96 -9.32
CA ALA A 199 12.27 -15.98 -9.71
C ALA A 199 13.73 -15.54 -9.71
N PRO A 200 14.69 -16.44 -9.35
CA PRO A 200 16.12 -16.04 -9.38
C PRO A 200 16.58 -15.78 -10.82
N GLY A 201 17.38 -14.74 -10.98
CA GLY A 201 17.90 -14.33 -12.28
C GLY A 201 17.03 -13.34 -13.02
N MET A 202 15.84 -13.01 -12.46
CA MET A 202 14.89 -12.08 -13.08
C MET A 202 15.36 -10.63 -13.09
N SER A 203 15.90 -10.16 -11.96
CA SER A 203 16.35 -8.78 -11.77
C SER A 203 17.49 -8.39 -12.70
N ALA A 204 18.44 -9.31 -12.95
CA ALA A 204 19.58 -9.11 -13.84
C ALA A 204 19.10 -8.97 -15.29
N ARG A 205 18.05 -9.71 -15.67
CA ARG A 205 17.47 -9.68 -17.00
C ARG A 205 16.57 -8.44 -17.16
N LEU A 206 15.84 -8.06 -16.09
CA LEU A 206 14.94 -6.90 -16.09
C LEU A 206 15.65 -5.59 -16.40
N VAL A 207 16.78 -5.31 -15.72
CA VAL A 207 17.56 -4.09 -15.94
C VAL A 207 17.97 -3.94 -17.42
N GLN A 208 18.32 -5.06 -18.09
CA GLN A 208 18.66 -5.09 -19.51
C GLN A 208 17.44 -4.72 -20.36
N TRP A 209 16.24 -5.26 -20.01
CA TRP A 209 14.98 -4.97 -20.69
C TRP A 209 14.57 -3.52 -20.50
N LEU A 210 14.81 -2.96 -19.30
CA LEU A 210 14.49 -1.55 -19.00
C LEU A 210 15.40 -0.60 -19.77
N ASP A 211 16.69 -0.99 -19.93
CA ASP A 211 17.69 -0.24 -20.70
C ASP A 211 17.33 -0.25 -22.18
N THR A 212 16.81 -1.37 -22.70
CA THR A 212 16.42 -1.54 -24.10
C THR A 212 15.06 -0.87 -24.41
N MET A 213 14.02 -1.24 -23.64
CA MET A 213 12.63 -0.80 -23.82
C MET A 213 12.34 0.63 -23.41
N LYS A 214 13.08 1.16 -22.41
CA LYS A 214 12.93 2.53 -21.87
C LYS A 214 11.45 2.84 -21.45
N PRO A 215 10.92 2.21 -20.37
CA PRO A 215 9.52 2.46 -20.01
C PRO A 215 9.23 3.83 -19.42
N ALA A 216 7.99 4.30 -19.59
CA ALA A 216 7.56 5.60 -19.04
C ALA A 216 7.13 5.45 -17.57
N ALA A 217 6.64 4.24 -17.18
CA ALA A 217 6.15 3.95 -15.83
C ALA A 217 6.61 2.57 -15.34
N PHE A 218 6.82 2.45 -14.02
CA PHE A 218 7.24 1.21 -13.34
C PHE A 218 6.36 0.95 -12.13
N TYR A 219 5.89 -0.30 -11.97
CA TYR A 219 5.10 -0.70 -10.81
C TYR A 219 5.79 -1.84 -10.07
N GLY A 220 5.78 -1.76 -8.74
CA GLY A 220 6.28 -2.78 -7.84
C GLY A 220 6.25 -2.31 -6.41
N THR A 221 7.10 -2.89 -5.54
CA THR A 221 7.24 -2.46 -4.15
C THR A 221 8.37 -1.42 -4.06
N PRO A 222 8.34 -0.47 -3.09
CA PRO A 222 9.47 0.48 -2.97
C PRO A 222 10.80 -0.25 -2.72
N SER A 223 10.76 -1.41 -2.01
CA SER A 223 11.94 -2.24 -1.73
C SER A 223 12.56 -2.77 -3.02
N TYR A 224 11.72 -3.24 -3.98
CA TYR A 224 12.22 -3.77 -5.26
C TYR A 224 12.90 -2.70 -6.09
N ALA A 225 12.37 -1.47 -6.10
CA ALA A 225 12.99 -0.35 -6.82
C ALA A 225 14.44 -0.13 -6.32
N ILE A 226 14.66 -0.15 -4.99
CA ILE A 226 16.00 -0.01 -4.39
C ILE A 226 16.91 -1.18 -4.82
N HIS A 227 16.44 -2.44 -4.64
CA HIS A 227 17.18 -3.65 -5.02
C HIS A 227 17.60 -3.64 -6.51
N LEU A 228 16.68 -3.21 -7.38
CA LEU A 228 16.87 -3.14 -8.83
C LEU A 228 17.94 -2.12 -9.25
N ALA A 229 18.05 -0.98 -8.53
CA ALA A 229 19.07 0.05 -8.82
C ALA A 229 20.46 -0.50 -8.50
N GLU A 230 20.57 -1.33 -7.44
CA GLU A 230 21.82 -1.98 -7.03
C GLU A 230 22.19 -3.03 -8.08
N VAL A 231 21.18 -3.77 -8.61
CA VAL A 231 21.36 -4.77 -9.66
C VAL A 231 21.83 -4.08 -10.96
N ALA A 232 21.19 -2.92 -11.32
CA ALA A 232 21.54 -2.12 -12.50
C ALA A 232 23.01 -1.69 -12.41
N ARG A 233 23.44 -1.20 -11.22
CA ARG A 233 24.81 -0.80 -10.94
C ARG A 233 25.79 -1.97 -11.05
N GLU A 234 25.47 -3.14 -10.46
CA GLU A 234 26.30 -4.38 -10.55
C GLU A 234 26.43 -4.83 -12.01
N GLU A 235 25.37 -4.60 -12.83
CA GLU A 235 25.30 -4.94 -14.26
C GLU A 235 25.90 -3.83 -15.15
N LYS A 236 26.58 -2.84 -14.52
CA LYS A 236 27.26 -1.69 -15.15
C LYS A 236 26.29 -0.86 -16.04
N LEU A 237 25.02 -0.78 -15.63
CA LEU A 237 23.95 -0.02 -16.27
C LEU A 237 23.52 1.11 -15.35
N ASN A 238 23.17 2.28 -15.92
CA ASN A 238 22.74 3.41 -15.12
C ASN A 238 21.21 3.47 -15.06
N PRO A 239 20.59 3.35 -13.86
CA PRO A 239 19.10 3.33 -13.78
C PRO A 239 18.38 4.62 -14.22
N ARG A 240 19.12 5.73 -14.39
CA ARG A 240 18.58 7.00 -14.88
C ARG A 240 18.39 6.94 -16.41
N ASN A 241 19.05 5.96 -17.07
CA ASN A 241 19.00 5.76 -18.53
C ASN A 241 17.91 4.77 -18.94
N PHE A 242 16.95 4.50 -18.04
CA PHE A 242 15.82 3.60 -18.28
C PHE A 242 14.62 4.39 -18.82
N GLY A 243 14.78 5.71 -18.96
CA GLY A 243 13.77 6.62 -19.51
C GLY A 243 12.46 6.72 -18.76
N LEU A 244 12.47 6.42 -17.44
CA LEU A 244 11.28 6.46 -16.59
C LEU A 244 10.83 7.87 -16.27
N LYS A 245 9.51 8.11 -16.39
CA LYS A 245 8.93 9.39 -16.01
C LYS A 245 8.43 9.23 -14.57
N CYS A 246 7.99 8.01 -14.24
CA CYS A 246 7.53 7.71 -12.89
C CYS A 246 7.62 6.24 -12.52
N LEU A 247 7.53 6.00 -11.21
CA LEU A 247 7.49 4.71 -10.56
C LEU A 247 6.34 4.85 -9.58
N PHE A 248 5.41 3.89 -9.59
CA PHE A 248 4.26 3.91 -8.69
C PHE A 248 4.24 2.63 -7.89
N PHE A 249 4.14 2.75 -6.58
CA PHE A 249 4.27 1.58 -5.71
C PHE A 249 3.14 1.38 -4.75
N SER A 250 3.00 0.12 -4.30
CA SER A 250 2.11 -0.36 -3.24
C SER A 250 2.73 -1.60 -2.58
N GLY A 251 2.21 -1.97 -1.41
CA GLY A 251 2.62 -3.18 -0.74
C GLY A 251 3.16 -2.99 0.66
N GLU A 252 3.72 -1.80 0.92
CA GLU A 252 4.37 -1.48 2.17
C GLU A 252 4.68 0.02 2.21
N PRO A 253 5.03 0.62 3.38
CA PRO A 253 5.45 2.03 3.38
C PRO A 253 6.79 2.18 2.67
N GLY A 254 7.05 3.37 2.15
CA GLY A 254 8.29 3.68 1.44
C GLY A 254 8.15 4.87 0.52
N ALA A 255 7.09 4.86 -0.31
CA ALA A 255 6.79 5.89 -1.32
C ALA A 255 6.35 7.25 -0.72
N SER A 256 5.99 7.27 0.56
CA SER A 256 5.65 8.49 1.30
C SER A 256 6.59 8.66 2.51
N VAL A 257 7.67 7.87 2.52
CA VAL A 257 8.70 7.91 3.55
C VAL A 257 9.82 8.88 3.05
N PRO A 258 10.05 9.99 3.79
CA PRO A 258 11.01 11.03 3.35
C PRO A 258 12.31 10.59 2.64
N GLY A 259 13.21 9.89 3.34
CA GLY A 259 14.49 9.44 2.81
C GLY A 259 14.43 8.35 1.74
N VAL A 260 13.36 7.51 1.76
CA VAL A 260 13.16 6.40 0.81
C VAL A 260 12.67 6.95 -0.54
N LYS A 261 11.68 7.87 -0.52
CA LYS A 261 11.15 8.49 -1.74
C LYS A 261 12.25 9.25 -2.48
N ASP A 262 13.09 10.01 -1.73
CA ASP A 262 14.20 10.81 -2.26
C ASP A 262 15.29 9.94 -2.89
N ARG A 263 15.62 8.79 -2.28
CA ARG A 263 16.62 7.84 -2.79
C ARG A 263 16.18 7.20 -4.12
N ILE A 264 14.89 6.81 -4.23
CA ILE A 264 14.36 6.20 -5.46
C ILE A 264 14.23 7.26 -6.58
N GLU A 265 13.72 8.47 -6.26
CA GLU A 265 13.59 9.56 -7.24
C GLU A 265 14.96 9.97 -7.81
N GLU A 266 16.02 9.96 -6.96
CA GLU A 266 17.40 10.29 -7.34
C GLU A 266 18.04 9.19 -8.19
N ALA A 267 17.84 7.91 -7.80
CA ALA A 267 18.41 6.76 -8.50
C ALA A 267 17.88 6.57 -9.92
N TYR A 268 16.60 6.90 -10.15
CA TYR A 268 15.98 6.75 -11.46
C TYR A 268 15.78 8.05 -12.24
N GLY A 269 15.89 9.19 -11.55
CA GLY A 269 15.66 10.50 -12.15
C GLY A 269 14.23 10.65 -12.61
N ALA A 270 13.31 10.09 -11.83
CA ALA A 270 11.87 10.04 -12.12
C ALA A 270 11.04 10.37 -10.89
N LYS A 271 9.72 10.49 -11.04
CA LYS A 271 8.82 10.77 -9.93
C LYS A 271 8.37 9.47 -9.28
N VAL A 272 8.04 9.53 -7.99
CA VAL A 272 7.58 8.39 -7.21
C VAL A 272 6.15 8.63 -6.73
N TYR A 273 5.27 7.65 -6.93
CA TYR A 273 3.89 7.75 -6.47
C TYR A 273 3.53 6.65 -5.53
N ASP A 274 2.85 7.03 -4.45
CA ASP A 274 2.34 6.13 -3.42
C ASP A 274 0.88 5.79 -3.75
N CYS A 275 0.53 4.50 -3.65
CA CYS A 275 -0.82 3.96 -3.82
C CYS A 275 -0.94 2.66 -3.03
N GLY A 276 -2.15 2.13 -2.89
CA GLY A 276 -2.37 0.85 -2.23
C GLY A 276 -3.01 0.84 -0.87
N SER A 277 -4.17 0.17 -0.77
CA SER A 277 -4.89 -0.10 0.47
C SER A 277 -4.62 -1.56 0.85
N MET A 278 -5.52 -2.49 0.48
CA MET A 278 -5.43 -3.91 0.77
C MET A 278 -5.85 -4.71 -0.47
N ALA A 279 -5.41 -5.97 -0.58
CA ALA A 279 -5.76 -6.88 -1.68
C ALA A 279 -7.25 -7.21 -1.62
N GLU A 280 -7.83 -7.29 -0.39
CA GLU A 280 -9.27 -7.53 -0.19
C GLU A 280 -10.05 -6.32 -0.73
N MET A 281 -9.38 -5.16 -0.81
CA MET A 281 -9.93 -3.89 -1.27
C MET A 281 -9.66 -3.55 -2.73
N SER A 282 -9.31 -4.55 -3.59
CA SER A 282 -9.12 -4.28 -5.02
C SER A 282 -10.42 -3.71 -5.57
N PRO A 283 -10.46 -2.55 -6.27
CA PRO A 283 -9.33 -1.71 -6.72
C PRO A 283 -8.57 -1.05 -5.56
N PHE A 284 -7.40 -1.61 -5.22
CA PHE A 284 -6.56 -1.20 -4.08
C PHE A 284 -5.92 0.17 -4.26
N MET A 285 -5.88 0.67 -5.52
CA MET A 285 -5.35 2.01 -5.82
C MET A 285 -6.33 3.11 -5.36
N ASN A 286 -7.43 2.75 -4.62
CA ASN A 286 -8.43 3.68 -4.07
C ASN A 286 -7.77 4.78 -3.18
N VAL A 287 -6.57 4.49 -2.66
CA VAL A 287 -5.70 5.44 -1.95
C VAL A 287 -4.47 5.57 -2.85
N ALA A 288 -4.25 6.79 -3.40
CA ALA A 288 -3.17 7.04 -4.36
C ALA A 288 -2.87 8.51 -4.57
N GLY A 289 -1.58 8.80 -4.72
CA GLY A 289 -1.09 10.14 -5.01
C GLY A 289 -1.26 10.45 -6.49
N THR A 290 -1.36 11.75 -6.82
CA THR A 290 -1.53 12.20 -8.20
C THR A 290 -0.30 13.01 -8.64
N GLU A 291 -0.12 13.22 -9.96
CA GLU A 291 1.00 13.97 -10.52
C GLU A 291 1.31 15.29 -9.78
N GLN A 292 0.27 16.10 -9.47
CA GLN A 292 0.43 17.37 -8.76
C GLN A 292 0.40 17.18 -7.23
N SER A 293 -0.55 16.36 -6.72
CA SER A 293 -0.61 16.01 -5.29
C SER A 293 0.26 14.75 -5.14
N ASN A 294 1.57 14.93 -5.41
CA ASN A 294 2.58 13.86 -5.46
C ASN A 294 3.07 13.34 -4.12
N ASP A 295 2.81 14.06 -3.02
CA ASP A 295 3.19 13.59 -1.69
C ASP A 295 1.98 12.92 -1.04
N GLY A 296 2.19 11.74 -0.48
CA GLY A 296 1.14 10.98 0.16
C GLY A 296 0.15 10.40 -0.83
N MET A 297 -1.10 10.22 -0.37
CA MET A 297 -2.16 9.61 -1.19
C MET A 297 -3.49 10.32 -1.00
N LEU A 298 -4.32 10.31 -2.04
CA LEU A 298 -5.67 10.86 -1.94
C LEU A 298 -6.62 9.66 -1.74
N CYS A 299 -7.75 9.86 -1.03
CA CYS A 299 -8.79 8.86 -0.82
C CYS A 299 -9.85 9.07 -1.88
N TRP A 300 -9.84 8.24 -2.94
CA TRP A 300 -10.79 8.30 -4.05
C TRP A 300 -12.11 7.72 -3.56
N GLN A 301 -12.84 8.54 -2.78
CA GLN A 301 -14.06 8.24 -2.04
C GLN A 301 -15.21 7.64 -2.86
N ASP A 302 -15.36 8.01 -4.15
CA ASP A 302 -16.41 7.49 -5.01
C ASP A 302 -16.09 6.13 -5.62
N ILE A 303 -14.85 5.63 -5.41
CA ILE A 303 -14.42 4.30 -5.87
C ILE A 303 -14.58 3.34 -4.66
N ILE A 304 -13.97 3.70 -3.52
CA ILE A 304 -14.06 3.00 -2.23
C ILE A 304 -14.16 4.07 -1.14
N TYR A 305 -15.13 3.92 -0.23
CA TYR A 305 -15.31 4.86 0.88
C TYR A 305 -14.28 4.56 1.97
N THR A 306 -13.37 5.53 2.22
CA THR A 306 -12.33 5.40 3.25
C THR A 306 -12.74 6.23 4.46
N GLU A 307 -12.67 5.62 5.65
CA GLU A 307 -12.93 6.26 6.95
C GLU A 307 -11.68 6.05 7.79
N VAL A 308 -11.15 7.11 8.38
CA VAL A 308 -9.98 6.96 9.25
C VAL A 308 -10.54 7.03 10.68
N CYS A 309 -10.58 5.87 11.36
CA CYS A 309 -11.25 5.70 12.63
C CYS A 309 -10.35 5.51 13.85
N ASP A 310 -10.92 5.78 15.03
CA ASP A 310 -10.27 5.56 16.31
C ASP A 310 -10.48 4.07 16.59
N PRO A 311 -9.40 3.25 16.68
CA PRO A 311 -9.57 1.80 16.90
C PRO A 311 -10.34 1.37 18.16
N ALA A 312 -10.59 2.33 19.06
CA ALA A 312 -11.34 2.12 20.30
C ALA A 312 -12.86 2.09 20.09
N ASN A 313 -13.39 2.88 19.12
CA ASN A 313 -14.85 2.94 18.87
C ASN A 313 -15.26 2.78 17.38
N MET A 314 -14.27 2.69 16.47
CA MET A 314 -14.44 2.53 15.01
C MET A 314 -15.27 3.67 14.37
N ARG A 315 -15.09 4.89 14.90
CA ARG A 315 -15.73 6.11 14.42
C ARG A 315 -14.66 7.03 13.88
N ARG A 316 -14.99 7.78 12.80
CA ARG A 316 -14.12 8.73 12.11
C ARG A 316 -13.45 9.72 13.04
N VAL A 317 -12.11 9.84 12.94
CA VAL A 317 -11.31 10.80 13.71
C VAL A 317 -11.34 12.14 12.97
N PRO A 318 -11.20 13.31 13.65
CA PRO A 318 -11.18 14.59 12.91
C PRO A 318 -9.99 14.68 11.97
N TYR A 319 -10.07 15.55 10.95
CA TYR A 319 -8.96 15.77 10.02
C TYR A 319 -7.79 16.41 10.76
N GLY A 320 -6.60 15.86 10.56
CA GLY A 320 -5.39 16.28 11.22
C GLY A 320 -4.97 15.30 12.30
N GLN A 321 -5.83 14.28 12.55
CA GLN A 321 -5.61 13.24 13.54
C GLN A 321 -5.31 11.88 12.93
N ARG A 322 -4.54 11.06 13.67
CA ARG A 322 -4.12 9.72 13.30
C ARG A 322 -5.22 8.71 13.63
N GLY A 323 -5.36 7.69 12.79
CA GLY A 323 -6.33 6.62 12.96
C GLY A 323 -6.12 5.45 12.04
N THR A 324 -7.07 4.50 12.06
CA THR A 324 -6.99 3.31 11.24
C THR A 324 -7.96 3.32 10.05
N PRO A 325 -7.46 3.10 8.82
CA PRO A 325 -8.36 3.04 7.66
C PRO A 325 -9.36 1.89 7.69
N VAL A 326 -10.63 2.23 7.50
CA VAL A 326 -11.77 1.31 7.43
C VAL A 326 -12.33 1.55 6.02
N TYR A 327 -12.44 0.48 5.20
CA TYR A 327 -12.85 0.61 3.79
C TYR A 327 -14.13 -0.11 3.41
N THR A 328 -14.89 0.53 2.48
CA THR A 328 -16.13 -0.01 1.90
C THR A 328 -16.12 0.12 0.38
N HIS A 329 -16.33 -1.01 -0.32
CA HIS A 329 -16.43 -1.07 -1.78
C HIS A 329 -17.75 -0.41 -2.20
N LEU A 330 -17.71 0.43 -3.25
CA LEU A 330 -18.92 1.08 -3.76
C LEU A 330 -19.28 0.54 -5.16
N GLU A 331 -18.34 -0.19 -5.77
CA GLU A 331 -18.48 -0.69 -7.13
C GLU A 331 -18.10 -2.16 -7.28
N ARG A 332 -18.48 -2.99 -6.29
CA ARG A 332 -18.20 -4.43 -6.34
C ARG A 332 -19.40 -5.29 -5.95
N THR A 333 -19.60 -6.38 -6.69
CA THR A 333 -20.69 -7.35 -6.48
C THR A 333 -20.16 -8.69 -5.96
N SER A 334 -18.85 -9.00 -6.19
CA SER A 334 -18.21 -10.24 -5.74
C SER A 334 -17.31 -9.96 -4.54
N GLN A 335 -17.53 -10.70 -3.43
CA GLN A 335 -16.82 -10.53 -2.16
C GLN A 335 -16.76 -9.03 -1.79
N PRO A 336 -17.91 -8.28 -1.75
CA PRO A 336 -17.81 -6.85 -1.42
C PRO A 336 -17.47 -6.64 0.05
N MET A 337 -16.55 -5.72 0.32
CA MET A 337 -16.13 -5.42 1.67
C MET A 337 -16.84 -4.18 2.17
N ILE A 338 -17.51 -4.33 3.32
CA ILE A 338 -18.27 -3.25 3.94
C ILE A 338 -17.69 -3.03 5.33
N ARG A 339 -16.93 -1.94 5.46
CA ARG A 339 -16.26 -1.53 6.68
C ARG A 339 -15.20 -2.54 7.12
N LEU A 340 -14.30 -2.95 6.20
CA LEU A 340 -13.20 -3.85 6.57
C LEU A 340 -12.12 -3.05 7.30
N LEU A 341 -11.72 -3.55 8.48
CA LEU A 341 -10.69 -2.95 9.30
C LEU A 341 -9.32 -3.30 8.69
N SER A 342 -8.52 -2.28 8.34
CA SER A 342 -7.18 -2.51 7.76
C SER A 342 -6.16 -2.95 8.80
N GLY A 343 -6.25 -2.38 9.99
CA GLY A 343 -5.32 -2.63 11.08
C GLY A 343 -4.04 -1.82 10.91
N ASP A 344 -4.08 -0.83 10.01
CA ASP A 344 -2.96 0.05 9.69
C ASP A 344 -3.12 1.37 10.40
N LEU A 345 -2.04 2.18 10.42
CA LEU A 345 -2.08 3.50 11.01
C LEU A 345 -1.78 4.55 9.95
N THR A 346 -2.54 5.65 9.97
CA THR A 346 -2.40 6.77 9.07
C THR A 346 -2.85 8.07 9.74
N LEU A 347 -2.79 9.18 9.01
CA LEU A 347 -3.25 10.51 9.37
C LEU A 347 -3.93 11.04 8.12
N TRP A 348 -5.14 11.61 8.27
CA TRP A 348 -5.88 12.17 7.15
C TRP A 348 -6.19 13.66 7.33
N THR A 349 -6.21 14.41 6.22
CA THR A 349 -6.51 15.85 6.20
C THR A 349 -7.53 16.14 5.10
N ASN A 350 -8.18 17.31 5.15
CA ASN A 350 -9.15 17.71 4.14
C ASN A 350 -8.88 19.12 3.58
N ASP A 351 -7.60 19.41 3.30
CA ASP A 351 -7.20 20.69 2.72
C ASP A 351 -7.15 20.61 1.20
N GLU A 352 -7.23 21.79 0.52
CA GLU A 352 -7.20 21.92 -0.94
C GLU A 352 -5.99 21.18 -1.52
N ASN A 353 -6.22 20.34 -2.54
CA ASN A 353 -5.15 19.56 -3.16
C ASN A 353 -4.55 20.25 -4.38
N PRO A 354 -3.20 20.18 -4.58
CA PRO A 354 -2.58 20.85 -5.74
C PRO A 354 -3.12 20.44 -7.13
N CYS A 355 -3.60 19.19 -7.27
CA CYS A 355 -4.18 18.70 -8.52
C CYS A 355 -5.61 19.20 -8.74
N GLY A 356 -6.26 19.67 -7.67
CA GLY A 356 -7.62 20.18 -7.74
C GLY A 356 -8.70 19.16 -7.40
N ARG A 357 -8.29 17.91 -7.13
CA ARG A 357 -9.23 16.85 -6.74
C ARG A 357 -9.69 17.10 -5.29
N THR A 358 -11.02 17.09 -5.08
CA THR A 358 -11.66 17.37 -3.79
C THR A 358 -11.81 16.11 -2.91
N TYR A 359 -10.68 15.44 -2.63
CA TYR A 359 -10.65 14.20 -1.84
C TYR A 359 -9.87 14.36 -0.51
N PRO A 360 -10.20 13.56 0.54
CA PRO A 360 -9.37 13.58 1.76
C PRO A 360 -8.01 13.01 1.41
N ARG A 361 -6.98 13.44 2.14
CA ARG A 361 -5.61 13.05 1.84
C ARG A 361 -4.96 12.35 3.03
N LEU A 362 -4.00 11.46 2.74
CA LEU A 362 -3.14 10.78 3.69
C LEU A 362 -1.78 11.42 3.34
N PRO A 363 -1.44 12.59 3.96
CA PRO A 363 -0.23 13.33 3.54
C PRO A 363 1.11 12.62 3.70
N GLN A 364 1.18 11.66 4.64
CA GLN A 364 2.40 10.89 4.91
C GLN A 364 2.18 9.42 4.57
N GLY A 365 1.11 9.15 3.82
CA GLY A 365 0.72 7.81 3.42
C GLY A 365 0.31 7.00 4.64
N ILE A 366 0.71 5.73 4.66
CA ILE A 366 0.38 4.77 5.71
C ILE A 366 1.69 4.36 6.41
N PHE A 367 1.72 4.54 7.74
CA PHE A 367 2.89 4.33 8.59
C PHE A 367 3.28 2.88 8.78
N GLY A 368 2.31 2.00 8.75
CA GLY A 368 2.51 0.57 8.92
C GLY A 368 1.31 -0.09 9.58
N ARG A 369 1.41 -1.39 9.83
CA ARG A 369 0.37 -2.19 10.48
C ARG A 369 0.56 -2.03 12.00
N ILE A 370 -0.53 -1.76 12.74
CA ILE A 370 -0.53 -1.56 14.20
C ILE A 370 0.17 -2.74 14.93
N ASP A 371 -0.08 -3.99 14.47
CA ASP A 371 0.51 -5.20 15.07
C ASP A 371 2.05 -5.29 14.91
N ASP A 372 2.62 -4.60 13.90
CA ASP A 372 4.07 -4.57 13.64
C ASP A 372 4.82 -3.64 14.61
N MET A 373 4.10 -2.70 15.25
CA MET A 373 4.65 -1.76 16.23
C MET A 373 5.19 -2.51 17.48
N PHE A 374 6.33 -2.05 18.01
CA PHE A 374 6.95 -2.59 19.22
C PHE A 374 7.22 -1.45 20.20
N THR A 375 7.49 -1.77 21.46
CA THR A 375 7.72 -0.77 22.49
C THR A 375 9.07 -0.97 23.20
N ILE A 376 9.83 0.14 23.34
CA ILE A 376 11.11 0.20 24.06
C ILE A 376 11.00 1.35 25.08
N ARG A 377 11.04 0.99 26.39
CA ARG A 377 10.94 1.91 27.54
C ARG A 377 9.77 2.92 27.43
N GLY A 378 8.56 2.38 27.24
CA GLY A 378 7.32 3.14 27.14
C GLY A 378 7.15 3.97 25.90
N GLU A 379 8.01 3.74 24.88
CA GLU A 379 7.95 4.46 23.61
C GLU A 379 7.54 3.53 22.48
N ASN A 380 6.45 3.88 21.77
CA ASN A 380 5.89 3.11 20.67
C ASN A 380 6.60 3.40 19.34
N ILE A 381 7.25 2.37 18.76
CA ILE A 381 8.02 2.51 17.53
C ILE A 381 7.48 1.66 16.39
N TYR A 382 7.37 2.28 15.20
CA TYR A 382 6.97 1.64 13.96
C TYR A 382 8.24 1.37 13.13
N PRO A 383 8.40 0.14 12.58
CA PRO A 383 9.61 -0.16 11.79
C PRO A 383 9.99 0.85 10.72
N SER A 384 8.98 1.56 10.15
CA SER A 384 9.14 2.58 9.11
C SER A 384 9.83 3.86 9.64
N GLU A 385 9.78 4.10 10.97
CA GLU A 385 10.42 5.26 11.60
C GLU A 385 11.94 5.07 11.63
N ILE A 386 12.40 3.80 11.82
CA ILE A 386 13.82 3.40 11.81
C ILE A 386 14.33 3.48 10.36
N ASP A 387 13.57 2.89 9.40
CA ASP A 387 13.86 2.91 7.97
C ASP A 387 13.99 4.34 7.47
N ALA A 388 13.08 5.25 7.88
CA ALA A 388 13.08 6.67 7.51
C ALA A 388 14.31 7.42 8.00
N ALA A 389 14.73 7.21 9.27
CA ALA A 389 15.88 7.88 9.88
C ALA A 389 17.20 7.41 9.24
N LEU A 390 17.36 6.09 9.06
CA LEU A 390 18.56 5.49 8.43
C LEU A 390 18.73 5.88 6.97
N ASN A 391 17.63 5.96 6.20
CA ASN A 391 17.66 6.34 4.78
C ASN A 391 18.02 7.81 4.55
N GLN A 392 17.89 8.63 5.60
CA GLN A 392 18.23 10.05 5.55
C GLN A 392 19.72 10.29 5.86
N MET A 393 20.49 9.20 6.09
CA MET A 393 21.92 9.21 6.38
C MET A 393 22.74 8.85 5.13
N SER A 394 23.80 9.62 4.86
CA SER A 394 24.70 9.45 3.72
C SER A 394 25.52 8.15 3.74
N GLY A 395 25.95 7.72 4.93
CA GLY A 395 26.76 6.52 5.13
C GLY A 395 26.02 5.20 5.21
N TYR A 396 24.68 5.25 5.20
CA TYR A 396 23.82 4.06 5.28
C TYR A 396 23.87 3.25 3.96
N GLY A 397 24.07 1.93 4.10
CA GLY A 397 24.24 0.98 3.00
C GLY A 397 23.02 0.45 2.27
N GLY A 398 21.82 0.89 2.66
CA GLY A 398 20.59 0.47 1.99
C GLY A 398 19.82 -0.68 2.62
N GLU A 399 20.41 -1.36 3.62
CA GLU A 399 19.74 -2.44 4.34
C GLU A 399 20.01 -2.44 5.84
N HIS A 400 19.05 -3.00 6.60
CA HIS A 400 19.09 -3.12 8.06
C HIS A 400 18.07 -4.16 8.54
N ARG A 401 18.18 -4.55 9.82
CA ARG A 401 17.27 -5.45 10.51
C ARG A 401 17.03 -4.91 11.93
N ILE A 402 15.83 -5.12 12.45
CA ILE A 402 15.44 -4.72 13.80
C ILE A 402 15.27 -6.03 14.58
N VAL A 403 16.09 -6.27 15.62
CA VAL A 403 16.03 -7.49 16.43
C VAL A 403 15.31 -7.20 17.74
N ILE A 404 14.09 -7.76 17.88
CA ILE A 404 13.21 -7.52 19.04
C ILE A 404 12.77 -8.81 19.73
N THR A 405 12.04 -8.63 20.83
CA THR A 405 11.40 -9.69 21.62
C THR A 405 10.06 -9.18 22.14
N ARG A 406 9.00 -9.98 21.97
CA ARG A 406 7.69 -9.57 22.47
C ARG A 406 7.31 -10.36 23.72
N GLU A 407 8.21 -11.27 24.15
CA GLU A 407 8.05 -12.12 25.33
C GLU A 407 8.47 -11.41 26.63
N SER A 408 9.36 -10.40 26.52
CA SER A 408 9.84 -9.59 27.63
C SER A 408 9.98 -8.11 27.22
N ALA A 409 9.87 -7.18 28.18
CA ALA A 409 9.99 -5.74 27.94
C ALA A 409 11.42 -5.37 27.51
N MET A 410 11.54 -4.55 26.46
CA MET A 410 12.84 -4.14 25.91
C MET A 410 13.28 -2.79 26.46
N ASP A 411 14.54 -2.75 26.95
CA ASP A 411 15.14 -1.54 27.50
C ASP A 411 15.84 -0.74 26.41
N GLU A 412 16.43 -1.43 25.41
CA GLU A 412 17.16 -0.83 24.28
C GLU A 412 16.70 -1.42 22.95
N LEU A 413 16.99 -0.69 21.85
CA LEU A 413 16.69 -1.10 20.48
C LEU A 413 17.94 -1.70 19.84
N LEU A 414 17.87 -2.97 19.40
CA LEU A 414 19.01 -3.65 18.75
C LEU A 414 18.86 -3.55 17.24
N LEU A 415 19.87 -2.97 16.59
CA LEU A 415 19.88 -2.79 15.14
C LEU A 415 21.11 -3.39 14.48
N ARG A 416 20.91 -4.13 13.38
CA ARG A 416 21.97 -4.67 12.54
C ARG A 416 21.91 -3.78 11.29
N VAL A 417 22.87 -2.84 11.17
CA VAL A 417 22.89 -1.85 10.08
C VAL A 417 24.04 -2.07 9.09
N GLU A 418 23.75 -1.97 7.80
CA GLU A 418 24.75 -2.08 6.76
C GLU A 418 25.39 -0.73 6.45
N PRO A 419 26.74 -0.61 6.44
CA PRO A 419 27.35 0.66 6.01
C PRO A 419 27.47 0.66 4.48
N SER A 420 27.73 1.83 3.86
CA SER A 420 27.93 1.90 2.41
C SER A 420 29.30 1.31 2.06
N GLU A 421 29.47 0.82 0.81
CA GLU A 421 30.74 0.25 0.35
C GLU A 421 31.92 1.23 0.47
N SER A 422 31.65 2.54 0.28
CA SER A 422 32.64 3.63 0.38
C SER A 422 33.02 3.87 1.84
N VAL A 423 32.07 3.68 2.79
CA VAL A 423 32.29 3.81 4.24
C VAL A 423 33.18 2.63 4.70
N HIS A 424 32.93 1.42 4.16
CA HIS A 424 33.72 0.22 4.45
C HIS A 424 35.17 0.38 3.91
N ALA A 425 35.32 0.80 2.61
CA ALA A 425 36.59 1.04 1.93
C ALA A 425 37.46 2.11 2.61
N ALA A 426 36.82 3.06 3.33
CA ALA A 426 37.48 4.13 4.08
C ALA A 426 38.19 3.67 5.38
N GLY A 427 37.97 2.41 5.78
CA GLY A 427 38.63 1.83 6.94
C GLY A 427 37.83 1.66 8.22
N ALA A 428 38.47 1.01 9.22
CA ALA A 428 37.93 0.65 10.54
C ALA A 428 37.41 1.83 11.37
N ALA A 429 38.13 2.96 11.38
CA ALA A 429 37.73 4.15 12.13
C ALA A 429 36.50 4.80 11.49
N ALA A 430 36.43 4.81 10.13
CA ALA A 430 35.32 5.36 9.34
C ALA A 430 34.04 4.57 9.58
N LEU A 431 34.17 3.22 9.72
CA LEU A 431 33.08 2.29 10.01
C LEU A 431 32.55 2.60 11.42
N GLU A 432 33.45 2.69 12.42
CA GLU A 432 33.10 3.02 13.80
C GLU A 432 32.43 4.40 13.92
N THR A 433 32.82 5.36 13.08
CA THR A 433 32.23 6.71 13.03
C THR A 433 30.78 6.63 12.56
N PHE A 434 30.50 5.83 11.49
CA PHE A 434 29.13 5.66 10.99
C PHE A 434 28.24 4.96 12.03
N ARG A 435 28.72 3.85 12.64
CA ARG A 435 28.04 3.06 13.68
C ARG A 435 27.58 3.93 14.86
N THR A 436 28.45 4.85 15.31
CA THR A 436 28.21 5.80 16.41
C THR A 436 27.16 6.84 15.98
N GLU A 437 27.30 7.41 14.78
CA GLU A 437 26.40 8.41 14.22
C GLU A 437 24.99 7.86 13.94
N ALA A 438 24.90 6.59 13.49
CA ALA A 438 23.65 5.87 13.21
C ALA A 438 22.88 5.68 14.52
N SER A 439 23.57 5.16 15.55
CA SER A 439 23.06 4.95 16.91
C SER A 439 22.49 6.25 17.49
N HIS A 440 23.25 7.36 17.36
CA HIS A 440 22.85 8.67 17.85
C HIS A 440 21.65 9.23 17.11
N ARG A 441 21.60 9.04 15.77
CA ARG A 441 20.50 9.55 14.93
C ARG A 441 19.17 8.91 15.28
N VAL A 442 19.18 7.57 15.43
CA VAL A 442 18.00 6.76 15.81
C VAL A 442 17.52 7.20 17.20
N GLN A 443 18.47 7.44 18.14
CA GLN A 443 18.21 7.91 19.51
C GLN A 443 17.54 9.29 19.53
N THR A 444 18.03 10.24 18.70
CA THR A 444 17.49 11.60 18.59
C THR A 444 16.08 11.59 18.00
N VAL A 445 15.84 10.70 17.02
CA VAL A 445 14.56 10.57 16.32
C VAL A 445 13.50 9.89 17.21
N LEU A 446 13.81 8.68 17.73
CA LEU A 446 12.88 7.88 18.53
C LEU A 446 12.78 8.25 20.02
N GLY A 447 13.89 8.69 20.61
CA GLY A 447 13.97 9.05 22.02
C GLY A 447 14.27 7.86 22.92
N VAL A 448 14.93 6.83 22.36
CA VAL A 448 15.31 5.59 23.06
C VAL A 448 16.74 5.16 22.72
N ARG A 449 17.41 4.43 23.64
CA ARG A 449 18.77 3.91 23.44
C ARG A 449 18.78 2.90 22.29
N ALA A 450 19.71 3.10 21.34
CA ALA A 450 19.85 2.25 20.16
C ALA A 450 21.24 1.66 20.05
N LYS A 451 21.34 0.33 20.14
CA LYS A 451 22.58 -0.41 19.98
C LYS A 451 22.70 -0.83 18.51
N VAL A 452 23.78 -0.39 17.83
CA VAL A 452 24.01 -0.68 16.42
C VAL A 452 25.17 -1.66 16.23
N GLU A 453 24.92 -2.74 15.50
CA GLU A 453 25.92 -3.72 15.11
C GLU A 453 26.06 -3.61 13.59
N LEU A 454 27.28 -3.31 13.12
CA LEU A 454 27.52 -3.20 11.69
C LEU A 454 27.76 -4.55 11.04
N VAL A 455 27.09 -4.79 9.91
CA VAL A 455 27.27 -6.02 9.13
C VAL A 455 27.97 -5.64 7.81
N ALA A 456 28.55 -6.63 7.11
CA ALA A 456 29.27 -6.42 5.86
C ALA A 456 28.35 -5.82 4.79
N PRO A 457 28.83 -4.92 3.91
CA PRO A 457 27.96 -4.40 2.84
C PRO A 457 27.41 -5.54 1.96
N ASN A 458 26.14 -5.40 1.53
CA ASN A 458 25.38 -6.31 0.67
C ASN A 458 25.17 -7.74 1.26
N SER A 459 25.37 -7.91 2.59
CA SER A 459 25.19 -9.20 3.28
C SER A 459 23.71 -9.50 3.56
N ILE A 460 22.93 -8.49 3.99
CA ILE A 460 21.50 -8.59 4.27
C ILE A 460 20.74 -8.86 2.96
N ALA A 461 19.86 -9.88 2.98
CA ALA A 461 19.05 -10.26 1.83
C ALA A 461 18.15 -9.11 1.37
N ARG A 462 18.19 -8.82 0.07
CA ARG A 462 17.32 -7.83 -0.58
C ARG A 462 16.05 -8.59 -1.08
N THR A 463 14.96 -7.85 -1.41
CA THR A 463 13.69 -8.45 -1.87
C THR A 463 13.04 -7.74 -3.07
N ASP A 464 12.28 -8.51 -3.87
CA ASP A 464 11.48 -8.02 -5.00
C ASP A 464 10.00 -7.89 -4.58
N PHE A 465 9.74 -8.14 -3.28
CA PHE A 465 8.42 -8.08 -2.64
C PHE A 465 8.50 -7.12 -1.44
N LYS A 466 7.84 -7.46 -0.31
CA LYS A 466 7.76 -6.66 0.89
C LYS A 466 8.93 -6.96 1.84
N ALA A 467 9.61 -5.90 2.30
CA ALA A 467 10.73 -6.00 3.24
C ALA A 467 10.24 -6.38 4.65
N ARG A 468 10.75 -7.50 5.17
CA ARG A 468 10.45 -8.01 6.51
C ARG A 468 11.71 -7.76 7.34
N ARG A 469 11.82 -6.54 7.87
CA ARG A 469 13.01 -6.10 8.59
C ARG A 469 13.00 -6.42 10.09
N VAL A 470 11.84 -6.80 10.65
CA VAL A 470 11.77 -7.14 12.07
C VAL A 470 12.00 -8.64 12.31
N ILE A 471 12.97 -8.95 13.20
CA ILE A 471 13.32 -10.28 13.66
C ILE A 471 12.84 -10.30 15.10
N ASP A 472 11.63 -10.88 15.31
CA ASP A 472 10.91 -10.92 16.59
C ASP A 472 11.27 -12.14 17.49
N ASP A 473 12.34 -12.89 17.14
CA ASP A 473 12.81 -14.07 17.87
C ASP A 473 13.46 -13.71 19.23
N ARG A 474 13.10 -14.46 20.28
CA ARG A 474 13.62 -14.25 21.64
C ARG A 474 15.10 -14.64 21.74
N GLU A 475 15.48 -15.84 21.21
CA GLU A 475 16.85 -16.35 21.22
C GLU A 475 17.83 -15.44 20.44
N VAL A 476 17.40 -14.95 19.25
CA VAL A 476 18.19 -14.05 18.40
C VAL A 476 18.46 -12.72 19.14
N PHE A 477 17.42 -12.18 19.83
CA PHE A 477 17.51 -10.94 20.62
C PHE A 477 18.54 -11.07 21.75
N ARG A 478 18.44 -12.15 22.56
CA ARG A 478 19.33 -12.44 23.69
C ARG A 478 20.76 -12.60 23.19
N ALA A 479 20.96 -13.43 22.14
CA ALA A 479 22.26 -13.67 21.49
C ALA A 479 22.93 -12.37 21.04
N LEU A 480 22.15 -11.47 20.39
CA LEU A 480 22.65 -10.18 19.91
C LEU A 480 23.01 -9.22 21.05
N ASN A 481 22.11 -9.05 22.04
CA ASN A 481 22.34 -8.16 23.19
C ASN A 481 23.58 -8.58 23.99
N GLN A 482 23.75 -9.91 24.21
CA GLN A 482 24.89 -10.51 24.90
C GLN A 482 26.18 -10.27 24.11
N GLN A 483 26.14 -10.35 22.76
CA GLN A 483 27.28 -10.11 21.89
C GLN A 483 27.62 -8.60 21.85
N LEU A 484 26.60 -7.73 21.88
CA LEU A 484 26.76 -6.27 21.89
C LEU A 484 27.25 -5.76 23.25
N GLN A 485 27.18 -6.61 24.28
CA GLN A 485 27.67 -6.29 25.62
C GLN A 485 29.15 -6.70 25.75
N SER A 486 29.54 -7.79 25.05
CA SER A 486 30.92 -8.32 25.04
C SER A 486 31.88 -7.43 24.25
N SER A 487 31.37 -6.81 23.15
CA SER A 487 32.16 -5.93 22.28
C SER A 487 32.43 -4.57 22.95
#